data_8ITG
#
_entry.id   8ITG
#
_cell.length_a   127.232
_cell.length_b   127.232
_cell.length_c   170.611
_cell.angle_alpha   90.000
_cell.angle_beta   90.000
_cell.angle_gamma   90.000
#
_symmetry.space_group_name_H-M   'I 4 2 2'
#
loop_
_entity.id
_entity.type
_entity.pdbx_description
1 polymer 'Poly-gamma-glutamate synthesis protein (Capsule biosynthesis protein)'
2 polymer 'Tricyclic peptide MS-271'
3 non-polymer 2-AMINO-2-HYDROXYMETHYL-PROPANE-1,3-DIOL
4 non-polymer 'CALCIUM ION'
5 water water
#
loop_
_entity_poly.entity_id
_entity_poly.type
_entity_poly.pdbx_seq_one_letter_code
_entity_poly.pdbx_strand_id
1 'polypeptide(L)'
;MTRLTVALSGDCMVTRGGLITSDPAAERLRDLLRGTDFAVTNLEVVPSDGRGHPVHNAVGGGCLIADSAVLDEVTAAGFS
VLGCANNHAMDLGTEGVLGTMDLLRARGIPYAGIGADLTGARRPVYADRPGGSLALLSCTATFLPGQEAADPSPELPGRP
GLNPLRHTATMQVTADQMDVLRTIDAETGLRARRAEARALLGVDPALLGPDRLALFGTRFRTADAPGFTTECDPRDLDEI
ARWVGEARLRADLVVVSVHSHEPGPTPETPGEFLRVFAHRMIDEGAHAVVGHGPHFLRGVELYRNKPIFYSLGNIVSQIE
LTDRVSAEDYAKVTAERPLTPGRYYDRLSGHGTRLFAPHRRYWQSLVPVLTFEDGTLTAARLHPVDLGFGRPVHRRGRPR
LADRAEAEKTLTDVAQLSQPYGTAIEVMDDGTGELALDVA
;
A
2 'polypeptide(L)' MSAVYEPPMLQEVGDFDELTKCLGVGSCNDFAGCGYAIVCFG B
#
# COMPACT_ATOMS: atom_id res chain seq x y z
N MET A 1 -8.42 -28.94 -13.41
CA MET A 1 -9.80 -29.07 -12.96
C MET A 1 -10.34 -27.76 -12.40
N THR A 2 -9.58 -27.13 -11.50
CA THR A 2 -9.96 -25.89 -10.86
C THR A 2 -9.33 -24.73 -11.62
N ARG A 3 -10.18 -23.83 -12.14
CA ARG A 3 -9.73 -22.70 -12.93
C ARG A 3 -10.33 -21.42 -12.37
N LEU A 4 -9.48 -20.52 -11.90
CA LEU A 4 -9.90 -19.31 -11.21
C LEU A 4 -9.19 -18.10 -11.80
N THR A 5 -9.90 -16.97 -11.85
CA THR A 5 -9.35 -15.70 -12.31
C THR A 5 -9.40 -14.68 -11.20
N VAL A 6 -8.33 -13.88 -11.08
CA VAL A 6 -8.21 -12.87 -10.04
C VAL A 6 -7.79 -11.56 -10.69
N ALA A 7 -8.59 -10.51 -10.47
CA ALA A 7 -8.22 -9.16 -10.86
C ALA A 7 -7.53 -8.46 -9.70
N LEU A 8 -6.43 -7.77 -10.00
CA LEU A 8 -5.67 -7.04 -9.00
C LEU A 8 -5.69 -5.55 -9.34
N SER A 9 -5.60 -4.72 -8.30
CA SER A 9 -5.57 -3.27 -8.49
C SER A 9 -4.88 -2.64 -7.28
N GLY A 10 -4.54 -1.37 -7.43
CA GLY A 10 -3.81 -0.65 -6.41
C GLY A 10 -4.68 0.14 -5.45
N ASP A 11 -4.31 1.38 -5.17
CA ASP A 11 -5.01 2.19 -4.18
C ASP A 11 -6.37 2.64 -4.70
N CYS A 12 -7.42 2.34 -3.93
CA CYS A 12 -8.77 2.80 -4.25
C CYS A 12 -9.12 3.94 -3.29
N MET A 13 -8.75 5.16 -3.70
CA MET A 13 -9.02 6.37 -2.92
C MET A 13 -10.29 7.01 -3.46
N VAL A 14 -11.43 6.42 -3.10
CA VAL A 14 -12.72 6.86 -3.61
C VAL A 14 -13.40 7.75 -2.57
N THR A 15 -13.84 8.94 -3.00
CA THR A 15 -14.56 9.86 -2.13
C THR A 15 -15.88 10.34 -2.71
N ARG A 16 -16.22 9.95 -3.94
CA ARG A 16 -17.43 10.42 -4.59
C ARG A 16 -18.16 9.25 -5.24
N GLY A 17 -19.42 9.49 -5.61
CA GLY A 17 -20.19 8.52 -6.33
C GLY A 17 -19.89 8.55 -7.82
N GLY A 18 -20.66 7.76 -8.56
CA GLY A 18 -20.46 7.69 -10.00
C GLY A 18 -19.07 7.22 -10.38
N LEU A 19 -18.52 6.27 -9.61
CA LEU A 19 -17.17 5.78 -9.85
C LEU A 19 -16.99 5.30 -11.28
N ILE A 20 -17.95 4.56 -11.79
CA ILE A 20 -17.96 4.08 -13.17
C ILE A 20 -18.82 5.03 -13.98
N THR A 21 -18.20 5.81 -14.86
CA THR A 21 -18.93 6.77 -15.66
C THR A 21 -19.62 6.07 -16.83
N SER A 22 -20.40 6.84 -17.59
CA SER A 22 -21.06 6.33 -18.78
C SER A 22 -20.11 6.15 -19.96
N ASP A 23 -18.84 6.46 -19.78
CA ASP A 23 -17.84 6.20 -20.81
C ASP A 23 -17.78 4.70 -21.10
N PRO A 24 -17.88 4.27 -22.36
CA PRO A 24 -17.78 2.84 -22.65
C PRO A 24 -16.49 2.20 -22.14
N ALA A 25 -15.38 2.95 -22.15
CA ALA A 25 -14.13 2.41 -21.62
C ALA A 25 -14.21 2.19 -20.12
N ALA A 26 -15.01 2.98 -19.41
CA ALA A 26 -15.19 2.76 -17.98
C ALA A 26 -16.15 1.61 -17.72
N GLU A 27 -17.21 1.51 -18.51
CA GLU A 27 -18.12 0.38 -18.36
C GLU A 27 -17.43 -0.94 -18.70
N ARG A 28 -16.48 -0.92 -19.63
N ARG A 28 -16.49 -0.91 -19.65
CA ARG A 28 -15.77 -2.15 -19.96
CA ARG A 28 -15.74 -2.11 -19.98
C ARG A 28 -14.81 -2.55 -18.84
C ARG A 28 -14.87 -2.55 -18.81
N LEU A 29 -14.33 -1.59 -18.05
CA LEU A 29 -13.53 -1.94 -16.87
C LEU A 29 -14.39 -2.65 -15.84
N ARG A 30 -15.61 -2.15 -15.61
CA ARG A 30 -16.52 -2.84 -14.70
C ARG A 30 -16.87 -4.23 -15.20
N ASP A 31 -17.14 -4.37 -16.51
CA ASP A 31 -17.38 -5.68 -17.08
C ASP A 31 -16.19 -6.60 -16.86
N LEU A 32 -14.97 -6.08 -17.01
CA LEU A 32 -13.79 -6.88 -16.77
C LEU A 32 -13.73 -7.35 -15.32
N LEU A 33 -13.90 -6.42 -14.38
CA LEU A 33 -13.83 -6.78 -12.96
C LEU A 33 -14.94 -7.75 -12.58
N ARG A 34 -16.16 -7.48 -13.04
N ARG A 34 -16.16 -7.50 -13.06
CA ARG A 34 -17.30 -8.36 -12.72
CA ARG A 34 -17.28 -8.35 -12.69
C ARG A 34 -17.08 -9.76 -13.27
C ARG A 34 -17.27 -9.69 -13.41
N GLY A 35 -16.39 -9.88 -14.39
CA GLY A 35 -16.21 -11.16 -15.05
C GLY A 35 -15.20 -12.08 -14.41
N THR A 36 -14.50 -11.63 -13.39
CA THR A 36 -13.50 -12.45 -12.71
C THR A 36 -14.10 -13.12 -11.49
N ASP A 37 -13.41 -14.15 -11.00
CA ASP A 37 -13.86 -14.84 -9.80
C ASP A 37 -13.60 -14.00 -8.55
N PHE A 38 -12.49 -13.28 -8.53
CA PHE A 38 -12.18 -12.38 -7.42
C PHE A 38 -11.52 -11.13 -7.97
N ALA A 39 -11.85 -9.98 -7.39
CA ALA A 39 -11.29 -8.70 -7.80
C ALA A 39 -10.85 -7.96 -6.54
N VAL A 40 -9.54 -7.79 -6.36
CA VAL A 40 -8.95 -7.27 -5.14
C VAL A 40 -8.57 -5.81 -5.35
N THR A 41 -8.76 -5.00 -4.31
CA THR A 41 -8.25 -3.63 -4.29
C THR A 41 -7.86 -3.26 -2.87
N ASN A 42 -7.11 -2.17 -2.74
CA ASN A 42 -6.67 -1.65 -1.46
C ASN A 42 -7.56 -0.47 -1.10
N LEU A 43 -8.42 -0.65 -0.08
CA LEU A 43 -9.32 0.41 0.36
C LEU A 43 -8.52 1.51 1.03
N GLU A 44 -8.12 2.52 0.26
CA GLU A 44 -7.27 3.62 0.74
C GLU A 44 -8.13 4.82 1.13
N VAL A 45 -9.09 4.57 2.02
CA VAL A 45 -10.01 5.59 2.49
C VAL A 45 -10.80 5.02 3.66
N VAL A 46 -11.15 5.85 4.63
CA VAL A 46 -11.98 5.44 5.75
C VAL A 46 -13.43 5.71 5.38
N PRO A 47 -14.24 4.69 5.11
CA PRO A 47 -15.68 4.91 4.96
C PRO A 47 -16.30 5.10 6.34
N SER A 48 -17.16 6.10 6.46
CA SER A 48 -17.58 6.50 7.79
C SER A 48 -19.03 6.97 7.81
N ASP A 49 -19.74 6.58 8.86
CA ASP A 49 -21.02 7.17 9.22
C ASP A 49 -20.90 8.11 10.41
N GLY A 50 -19.68 8.39 10.88
CA GLY A 50 -19.47 9.39 11.90
C GLY A 50 -18.70 8.92 13.13
N ARG A 51 -18.27 7.67 13.15
CA ARG A 51 -17.64 7.10 14.33
C ARG A 51 -16.13 7.35 14.32
N GLY A 52 -15.60 7.87 15.42
CA GLY A 52 -14.18 8.07 15.59
C GLY A 52 -13.80 9.55 15.54
N HIS A 53 -12.49 9.78 15.58
CA HIS A 53 -11.92 11.13 15.59
C HIS A 53 -10.70 11.19 14.69
N PRO A 54 -10.51 12.30 13.98
CA PRO A 54 -9.37 12.39 13.05
C PRO A 54 -8.04 12.39 13.78
N VAL A 55 -7.09 11.62 13.24
CA VAL A 55 -5.73 11.59 13.74
C VAL A 55 -4.89 12.56 12.91
N HIS A 56 -3.78 13.02 13.47
CA HIS A 56 -2.86 13.90 12.76
C HIS A 56 -2.04 13.04 11.80
N ASN A 57 -2.37 13.11 10.51
CA ASN A 57 -1.69 12.32 9.49
C ASN A 57 -1.13 13.23 8.41
N ALA A 58 -0.34 14.23 8.81
CA ALA A 58 0.27 15.13 7.83
C ALA A 58 1.26 14.38 6.95
N VAL A 59 2.00 13.43 7.52
CA VAL A 59 2.95 12.65 6.73
C VAL A 59 2.23 11.89 5.63
N GLY A 60 1.03 11.38 5.91
CA GLY A 60 0.24 10.68 4.93
C GLY A 60 -0.49 11.55 3.93
N GLY A 61 -0.33 12.87 4.03
CA GLY A 61 -1.01 13.77 3.12
C GLY A 61 -2.37 14.23 3.56
N GLY A 62 -2.70 14.09 4.84
CA GLY A 62 -3.99 14.49 5.36
C GLY A 62 -4.92 13.32 5.58
N CYS A 63 -6.08 13.61 6.17
CA CYS A 63 -7.08 12.59 6.40
C CYS A 63 -7.78 12.22 5.11
N LEU A 64 -8.15 10.94 5.00
CA LEU A 64 -8.83 10.40 3.82
C LEU A 64 -10.08 9.70 4.31
N ILE A 65 -11.17 10.45 4.40
CA ILE A 65 -12.42 9.99 4.99
C ILE A 65 -13.55 10.29 4.02
N ALA A 66 -14.49 9.36 3.87
CA ALA A 66 -15.56 9.50 2.91
C ALA A 66 -16.85 8.91 3.46
N ASP A 67 -17.97 9.37 2.89
CA ASP A 67 -19.27 8.77 3.15
C ASP A 67 -19.21 7.27 2.91
N SER A 68 -19.86 6.50 3.78
CA SER A 68 -19.85 5.05 3.66
C SER A 68 -20.51 4.56 2.38
N ALA A 69 -21.25 5.43 1.69
CA ALA A 69 -21.87 5.04 0.42
C ALA A 69 -20.84 4.69 -0.63
N VAL A 70 -19.59 5.15 -0.48
CA VAL A 70 -18.56 4.82 -1.47
C VAL A 70 -18.28 3.33 -1.49
N LEU A 71 -18.63 2.60 -0.43
CA LEU A 71 -18.47 1.15 -0.45
C LEU A 71 -19.37 0.51 -1.51
N ASP A 72 -20.54 1.08 -1.74
CA ASP A 72 -21.41 0.59 -2.81
C ASP A 72 -20.84 0.92 -4.18
N GLU A 73 -20.08 2.00 -4.29
CA GLU A 73 -19.38 2.28 -5.53
C GLU A 73 -18.29 1.25 -5.79
N VAL A 74 -17.59 0.83 -4.73
CA VAL A 74 -16.51 -0.14 -4.87
C VAL A 74 -17.04 -1.50 -5.33
N THR A 75 -18.11 -1.97 -4.68
CA THR A 75 -18.64 -3.29 -5.00
C THR A 75 -19.36 -3.30 -6.35
N ALA A 76 -20.12 -2.24 -6.65
CA ALA A 76 -20.81 -2.17 -7.94
C ALA A 76 -19.83 -2.10 -9.10
N ALA A 77 -18.64 -1.56 -8.85
CA ALA A 77 -17.61 -1.52 -9.88
C ALA A 77 -17.03 -2.91 -10.16
N GLY A 78 -17.19 -3.85 -9.23
CA GLY A 78 -16.72 -5.21 -9.42
C GLY A 78 -15.73 -5.70 -8.39
N PHE A 79 -15.17 -4.84 -7.54
CA PHE A 79 -14.26 -5.30 -6.51
C PHE A 79 -15.03 -6.09 -5.46
N SER A 80 -14.45 -7.22 -5.04
CA SER A 80 -15.16 -8.16 -4.18
C SER A 80 -14.36 -8.63 -2.97
N VAL A 81 -13.06 -8.35 -2.89
CA VAL A 81 -12.23 -8.65 -1.71
C VAL A 81 -11.34 -7.44 -1.48
N LEU A 82 -11.40 -6.89 -0.26
N LEU A 82 -11.41 -6.88 -0.26
CA LEU A 82 -10.76 -5.61 0.04
CA LEU A 82 -10.76 -5.63 0.06
C LEU A 82 -9.58 -5.80 0.99
C LEU A 82 -9.55 -5.88 0.95
N GLY A 83 -8.42 -5.27 0.60
CA GLY A 83 -7.30 -5.17 1.50
C GLY A 83 -7.40 -3.83 2.20
N CYS A 84 -7.21 -3.83 3.52
CA CYS A 84 -7.44 -2.63 4.31
C CYS A 84 -6.23 -2.11 5.07
N ALA A 85 -5.12 -2.84 5.09
CA ALA A 85 -3.94 -2.39 5.81
C ALA A 85 -3.18 -1.37 4.96
N ASN A 86 -3.12 -0.13 5.43
CA ASN A 86 -2.44 0.96 4.75
C ASN A 86 -2.32 2.12 5.73
N ASN A 87 -1.65 3.19 5.30
CA ASN A 87 -1.39 4.33 6.18
C ASN A 87 -2.61 5.24 6.34
N HIS A 88 -3.79 4.83 5.90
CA HIS A 88 -4.99 5.65 6.07
C HIS A 88 -6.13 4.95 6.77
N ALA A 89 -6.09 3.62 6.94
CA ALA A 89 -7.17 2.92 7.61
C ALA A 89 -7.42 3.46 9.01
N MET A 90 -6.40 4.02 9.66
CA MET A 90 -6.50 4.52 11.02
C MET A 90 -6.72 6.03 11.08
N ASP A 91 -7.21 6.64 10.00
CA ASP A 91 -7.37 8.08 9.96
C ASP A 91 -8.43 8.58 10.95
N LEU A 92 -9.34 7.70 11.37
CA LEU A 92 -10.31 8.05 12.41
C LEU A 92 -10.04 7.31 13.72
N GLY A 93 -8.83 6.82 13.92
CA GLY A 93 -8.46 6.17 15.15
C GLY A 93 -9.00 4.77 15.28
N THR A 94 -8.89 4.25 16.51
CA THR A 94 -9.35 2.89 16.80
C THR A 94 -10.86 2.78 16.65
N GLU A 95 -11.59 3.82 17.04
CA GLU A 95 -13.05 3.80 16.84
C GLU A 95 -13.40 3.84 15.36
N GLY A 96 -12.61 4.56 14.56
CA GLY A 96 -12.86 4.58 13.13
C GLY A 96 -12.66 3.23 12.48
N VAL A 97 -11.60 2.51 12.87
CA VAL A 97 -11.34 1.22 12.24
C VAL A 97 -12.37 0.20 12.67
N LEU A 98 -12.88 0.29 13.91
CA LEU A 98 -14.00 -0.54 14.31
C LEU A 98 -15.26 -0.18 13.52
N GLY A 99 -15.43 1.10 13.21
CA GLY A 99 -16.56 1.50 12.39
C GLY A 99 -16.45 0.98 10.97
N THR A 100 -15.24 0.93 10.43
CA THR A 100 -15.04 0.38 9.10
C THR A 100 -15.38 -1.11 9.05
N MET A 101 -14.92 -1.87 10.05
CA MET A 101 -15.23 -3.29 10.11
C MET A 101 -16.74 -3.51 10.21
N ASP A 102 -17.43 -2.68 11.00
CA ASP A 102 -18.88 -2.77 11.07
C ASP A 102 -19.51 -2.52 9.70
N LEU A 103 -19.04 -1.48 9.00
CA LEU A 103 -19.62 -1.13 7.71
C LEU A 103 -19.36 -2.23 6.67
N LEU A 104 -18.16 -2.80 6.66
CA LEU A 104 -17.85 -3.83 5.68
C LEU A 104 -18.63 -5.11 5.95
N ARG A 105 -18.74 -5.52 7.22
CA ARG A 105 -19.45 -6.76 7.54
C ARG A 105 -20.94 -6.64 7.26
N ALA A 106 -21.52 -5.46 7.52
CA ALA A 106 -22.95 -5.27 7.27
C ALA A 106 -23.26 -5.32 5.77
N ARG A 107 -22.30 -4.93 4.93
CA ARG A 107 -22.46 -5.01 3.48
C ARG A 107 -21.96 -6.34 2.90
N GLY A 108 -21.52 -7.27 3.75
CA GLY A 108 -21.07 -8.56 3.28
C GLY A 108 -19.81 -8.52 2.44
N ILE A 109 -18.91 -7.58 2.71
CA ILE A 109 -17.70 -7.40 1.91
C ILE A 109 -16.55 -8.10 2.62
N PRO A 110 -15.93 -9.11 2.02
CA PRO A 110 -14.75 -9.73 2.65
C PRO A 110 -13.59 -8.75 2.69
N TYR A 111 -12.89 -8.71 3.82
CA TYR A 111 -11.78 -7.78 3.98
C TYR A 111 -10.72 -8.41 4.87
N ALA A 112 -9.50 -7.91 4.73
CA ALA A 112 -8.39 -8.32 5.58
C ALA A 112 -7.48 -7.13 5.82
N GLY A 113 -6.62 -7.25 6.84
CA GLY A 113 -5.60 -6.27 7.12
C GLY A 113 -5.87 -5.38 8.31
N ILE A 114 -7.12 -5.34 8.79
CA ILE A 114 -7.48 -4.62 10.00
C ILE A 114 -8.28 -5.56 10.89
N GLY A 115 -8.30 -5.24 12.18
CA GLY A 115 -9.02 -6.08 13.11
C GLY A 115 -9.15 -5.39 14.46
N ALA A 116 -9.95 -6.03 15.33
CA ALA A 116 -10.07 -5.56 16.70
C ALA A 116 -8.82 -5.83 17.52
N ASP A 117 -7.94 -6.71 17.04
CA ASP A 117 -6.66 -6.95 17.68
C ASP A 117 -5.67 -7.38 16.60
N LEU A 118 -4.46 -7.71 17.03
CA LEU A 118 -3.39 -8.00 16.07
C LEU A 118 -3.66 -9.29 15.30
N THR A 119 -4.13 -10.33 15.99
CA THR A 119 -4.43 -11.58 15.31
C THR A 119 -5.51 -11.37 14.24
N GLY A 120 -6.58 -10.65 14.58
CA GLY A 120 -7.63 -10.38 13.61
C GLY A 120 -7.15 -9.58 12.40
N ALA A 121 -6.14 -8.74 12.60
CA ALA A 121 -5.59 -7.99 11.47
C ALA A 121 -4.65 -8.85 10.64
N ARG A 122 -4.00 -9.84 11.25
CA ARG A 122 -3.08 -10.70 10.53
C ARG A 122 -3.81 -11.80 9.77
N ARG A 123 -4.95 -12.29 10.29
CA ARG A 123 -5.71 -13.38 9.70
C ARG A 123 -5.93 -13.17 8.21
N PRO A 124 -5.97 -14.24 7.43
CA PRO A 124 -6.53 -14.12 6.08
C PRO A 124 -8.05 -14.08 6.14
N VAL A 125 -8.64 -13.47 5.13
CA VAL A 125 -10.07 -13.59 4.89
C VAL A 125 -10.25 -14.59 3.75
N TYR A 126 -11.27 -15.43 3.86
CA TYR A 126 -11.55 -16.44 2.87
C TYR A 126 -12.78 -16.02 2.07
N ALA A 127 -12.60 -15.78 0.78
CA ALA A 127 -13.70 -15.49 -0.13
C ALA A 127 -14.01 -16.76 -0.92
N ASP A 128 -15.21 -17.29 -0.72
CA ASP A 128 -15.64 -18.53 -1.34
C ASP A 128 -16.60 -18.23 -2.48
N ARG A 129 -16.38 -18.87 -3.61
CA ARG A 129 -17.23 -18.80 -4.79
C ARG A 129 -17.43 -20.20 -5.33
N PRO A 130 -18.39 -20.40 -6.23
CA PRO A 130 -18.66 -21.75 -6.74
C PRO A 130 -17.43 -22.46 -7.33
N GLY A 131 -16.55 -21.71 -8.01
CA GLY A 131 -15.39 -22.31 -8.62
C GLY A 131 -14.21 -22.52 -7.70
N GLY A 132 -14.19 -21.90 -6.53
CA GLY A 132 -13.09 -22.06 -5.61
C GLY A 132 -12.99 -20.88 -4.67
N SER A 133 -11.91 -20.87 -3.90
CA SER A 133 -11.73 -19.93 -2.81
C SER A 133 -10.39 -19.22 -2.94
N LEU A 134 -10.38 -17.96 -2.51
CA LEU A 134 -9.17 -17.15 -2.43
C LEU A 134 -8.98 -16.65 -1.00
N ALA A 135 -7.74 -16.72 -0.53
CA ALA A 135 -7.37 -16.17 0.77
C ALA A 135 -6.59 -14.89 0.54
N LEU A 136 -7.07 -13.79 1.13
CA LEU A 136 -6.39 -12.50 1.06
C LEU A 136 -5.78 -12.18 2.42
N LEU A 137 -4.48 -11.92 2.43
CA LEU A 137 -3.82 -11.31 3.57
C LEU A 137 -3.36 -9.91 3.17
N SER A 138 -3.44 -8.99 4.12
CA SER A 138 -3.17 -7.58 3.86
C SER A 138 -2.33 -7.01 4.98
N CYS A 139 -1.20 -6.40 4.62
CA CYS A 139 -0.31 -5.76 5.59
C CYS A 139 0.19 -4.46 5.00
N THR A 140 0.78 -3.62 5.85
CA THR A 140 1.33 -2.35 5.39
C THR A 140 2.65 -2.06 6.08
N ALA A 141 3.62 -1.61 5.29
CA ALA A 141 4.91 -1.15 5.79
C ALA A 141 4.93 0.34 6.05
N THR A 142 3.86 1.06 5.73
CA THR A 142 3.78 2.50 5.89
C THR A 142 2.61 2.81 6.81
N PHE A 143 2.91 3.36 7.99
CA PHE A 143 1.90 3.75 8.96
C PHE A 143 2.58 4.53 10.07
N LEU A 144 1.78 5.27 10.82
CA LEU A 144 2.30 6.00 11.98
C LEU A 144 2.54 5.02 13.12
N PRO A 145 3.71 5.05 13.75
CA PRO A 145 3.97 4.14 14.88
C PRO A 145 2.85 4.19 15.91
N GLY A 146 2.49 3.02 16.44
CA GLY A 146 1.37 2.89 17.33
C GLY A 146 0.06 2.52 16.67
N GLN A 147 -0.05 2.69 15.35
CA GLN A 147 -1.28 2.34 14.64
C GLN A 147 -1.42 0.86 14.40
N GLU A 148 -0.35 0.08 14.54
CA GLU A 148 -0.48 -1.36 14.41
C GLU A 148 -1.42 -1.88 15.49
N ALA A 149 -2.19 -2.91 15.13
CA ALA A 149 -3.05 -3.54 16.10
C ALA A 149 -2.23 -4.25 17.17
N ALA A 150 -2.87 -4.56 18.29
CA ALA A 150 -2.20 -5.22 19.40
C ALA A 150 -3.08 -6.36 19.88
N ASP A 151 -2.43 -7.46 20.27
CA ASP A 151 -3.13 -8.60 20.84
C ASP A 151 -3.42 -8.37 22.33
N PRO A 152 -4.39 -9.08 22.90
CA PRO A 152 -4.68 -8.88 24.32
C PRO A 152 -3.64 -9.54 25.20
N SER A 153 -3.58 -9.06 26.43
CA SER A 153 -2.81 -9.65 27.51
C SER A 153 -3.76 -10.29 28.51
N PRO A 154 -3.26 -11.06 29.48
CA PRO A 154 -4.16 -11.62 30.49
C PRO A 154 -5.02 -10.58 31.20
N GLU A 155 -4.56 -9.32 31.28
CA GLU A 155 -5.26 -8.29 32.03
C GLU A 155 -5.86 -7.17 31.19
N LEU A 156 -5.34 -6.93 29.99
CA LEU A 156 -5.84 -5.83 29.19
C LEU A 156 -6.27 -6.32 27.82
N PRO A 157 -7.26 -5.68 27.22
CA PRO A 157 -7.65 -6.05 25.85
C PRO A 157 -6.57 -5.70 24.85
N GLY A 158 -6.80 -6.11 23.62
CA GLY A 158 -5.96 -5.71 22.53
C GLY A 158 -6.23 -4.28 22.13
N ARG A 159 -5.71 -3.89 20.97
CA ARG A 159 -5.95 -2.58 20.40
C ARG A 159 -6.32 -2.75 18.94
N PRO A 160 -7.45 -2.20 18.49
CA PRO A 160 -7.78 -2.26 17.07
C PRO A 160 -6.72 -1.52 16.26
N GLY A 161 -6.46 -2.04 15.05
CA GLY A 161 -5.47 -1.41 14.20
C GLY A 161 -5.21 -2.23 12.95
N LEU A 162 -4.05 -1.98 12.36
CA LEU A 162 -3.65 -2.55 11.08
C LEU A 162 -2.64 -3.66 11.26
N ASN A 163 -2.47 -4.47 10.22
CA ASN A 163 -1.49 -5.55 10.17
C ASN A 163 -0.16 -4.98 9.70
N PRO A 164 0.83 -4.92 10.59
CA PRO A 164 2.08 -4.22 10.27
C PRO A 164 3.14 -5.11 9.63
N LEU A 165 3.93 -4.49 8.76
CA LEU A 165 5.20 -5.02 8.29
C LEU A 165 6.24 -3.95 8.62
N ARG A 166 6.76 -3.99 9.84
CA ARG A 166 7.76 -3.03 10.23
C ARG A 166 9.11 -3.35 9.59
N HIS A 167 9.99 -2.35 9.59
CA HIS A 167 11.32 -2.51 8.99
C HIS A 167 12.24 -1.45 9.59
N THR A 168 13.53 -1.76 9.59
CA THR A 168 14.55 -0.86 10.11
C THR A 168 15.50 -0.47 8.98
N ALA A 169 15.95 0.78 9.01
CA ALA A 169 16.95 1.28 8.08
C ALA A 169 18.27 1.47 8.83
N THR A 170 19.37 1.05 8.20
CA THR A 170 20.70 1.21 8.76
C THR A 170 21.57 2.01 7.79
N MET A 171 22.19 3.06 8.30
CA MET A 171 23.14 3.85 7.52
C MET A 171 24.52 3.25 7.69
N GLN A 172 25.11 2.78 6.59
CA GLN A 172 26.50 2.35 6.59
C GLN A 172 27.38 3.56 6.38
N VAL A 173 28.32 3.78 7.30
CA VAL A 173 29.24 4.91 7.24
C VAL A 173 30.65 4.41 7.47
N THR A 174 31.62 5.14 6.92
CA THR A 174 33.01 4.81 7.14
C THR A 174 33.39 5.08 8.59
N ALA A 175 34.51 4.47 9.02
CA ALA A 175 34.96 4.62 10.40
C ALA A 175 35.24 6.08 10.74
N ASP A 176 35.76 6.85 9.80
CA ASP A 176 35.99 8.26 10.07
C ASP A 176 34.68 9.05 10.12
N GLN A 177 33.69 8.66 9.31
CA GLN A 177 32.38 9.29 9.41
C GLN A 177 31.72 8.94 10.74
N MET A 178 31.88 7.69 11.20
CA MET A 178 31.33 7.30 12.49
C MET A 178 31.95 8.09 13.63
N ASP A 179 33.27 8.34 13.55
CA ASP A 179 33.94 9.11 14.60
C ASP A 179 33.40 10.53 14.69
N VAL A 180 33.09 11.14 13.54
CA VAL A 180 32.54 12.49 13.55
C VAL A 180 31.16 12.50 14.19
N LEU A 181 30.35 11.48 13.92
CA LEU A 181 29.02 11.40 14.51
C LEU A 181 29.10 11.29 16.03
N ARG A 182 29.99 10.43 16.54
CA ARG A 182 30.19 10.34 17.98
C ARG A 182 30.72 11.65 18.53
N THR A 183 31.61 12.32 17.79
CA THR A 183 32.13 13.61 18.24
C THR A 183 31.04 14.65 18.33
N ILE A 184 30.17 14.72 17.31
CA ILE A 184 29.02 15.62 17.36
C ILE A 184 28.13 15.29 18.55
N ASP A 185 27.94 14.00 18.83
CA ASP A 185 27.12 13.58 19.96
C ASP A 185 27.69 14.10 21.27
N ALA A 186 29.02 14.00 21.44
CA ALA A 186 29.64 14.42 22.69
C ALA A 186 29.74 15.94 22.77
N GLU A 187 30.14 16.59 21.68
CA GLU A 187 30.46 18.02 21.75
C GLU A 187 29.22 18.90 21.78
N THR A 188 28.09 18.44 21.22
CA THR A 188 26.88 19.24 21.30
C THR A 188 26.25 19.20 22.69
N GLY A 189 26.65 18.25 23.53
CA GLY A 189 25.97 17.99 24.77
C GLY A 189 24.85 16.97 24.67
N LEU A 190 24.65 16.38 23.50
CA LEU A 190 23.60 15.38 23.33
C LEU A 190 23.86 14.17 24.21
N ARG A 191 25.12 13.71 24.29
CA ARG A 191 25.45 12.58 25.15
C ARG A 191 25.22 12.90 26.61
N ALA A 192 25.44 14.16 27.02
CA ALA A 192 25.24 14.55 28.40
C ALA A 192 23.78 14.44 28.81
N ARG A 193 22.86 14.63 27.87
CA ARG A 193 21.43 14.55 28.16
C ARG A 193 20.93 13.11 28.26
N ARG A 194 21.79 12.13 28.03
CA ARG A 194 21.44 10.73 28.27
C ARG A 194 22.06 10.20 29.55
N ALA A 195 22.60 11.08 30.40
CA ALA A 195 23.25 10.63 31.64
C ALA A 195 22.25 9.94 32.55
N GLU A 196 21.01 10.43 32.60
CA GLU A 196 19.99 9.79 33.42
C GLU A 196 19.67 8.39 32.90
N ALA A 197 19.45 8.26 31.60
CA ALA A 197 19.15 6.96 31.02
C ALA A 197 20.28 5.96 31.23
N ARG A 198 21.51 6.45 31.35
CA ARG A 198 22.65 5.57 31.61
C ARG A 198 22.53 4.92 32.99
N ALA A 199 22.18 5.71 34.00
CA ALA A 199 22.08 5.16 35.36
C ALA A 199 20.88 4.23 35.49
N LEU A 200 19.74 4.61 34.90
CA LEU A 200 18.54 3.80 35.04
C LEU A 200 18.64 2.49 34.27
N LEU A 201 19.09 2.56 33.01
CA LEU A 201 19.21 1.34 32.21
C LEU A 201 20.50 0.58 32.47
N GLY A 202 21.51 1.22 33.04
CA GLY A 202 22.77 0.58 33.33
C GLY A 202 23.84 0.78 32.28
N VAL A 203 23.46 1.21 31.07
CA VAL A 203 24.39 1.40 29.96
C VAL A 203 23.83 2.49 29.06
N ASP A 204 24.65 2.97 28.14
CA ASP A 204 24.22 3.97 27.18
C ASP A 204 23.35 3.31 26.11
N PRO A 205 22.08 3.71 25.95
CA PRO A 205 21.26 3.13 24.88
C PRO A 205 21.75 3.49 23.49
N ALA A 206 22.71 4.39 23.37
CA ALA A 206 23.30 4.74 22.08
C ALA A 206 24.45 3.83 21.68
N LEU A 207 24.97 3.02 22.61
CA LEU A 207 26.09 2.12 22.34
C LEU A 207 25.54 0.71 22.13
N LEU A 208 25.50 0.29 20.86
CA LEU A 208 25.07 -1.04 20.47
C LEU A 208 26.26 -1.92 20.09
N GLY A 209 27.44 -1.58 20.57
CA GLY A 209 28.68 -2.12 20.06
C GLY A 209 29.61 -0.97 19.75
N PRO A 210 30.87 -1.27 19.44
CA PRO A 210 31.82 -0.19 19.17
C PRO A 210 31.78 0.24 17.71
N ASP A 211 31.22 -0.60 16.85
CA ASP A 211 31.02 -0.26 15.44
C ASP A 211 29.56 -0.09 15.09
N ARG A 212 28.68 0.01 16.08
CA ARG A 212 27.27 0.27 15.87
C ARG A 212 26.85 1.46 16.72
N LEU A 213 25.87 2.20 16.23
CA LEU A 213 25.50 3.47 16.88
C LEU A 213 24.03 3.78 16.61
N ALA A 214 23.33 4.22 17.65
CA ALA A 214 21.97 4.75 17.56
C ALA A 214 22.02 6.21 17.98
N LEU A 215 21.97 7.10 17.00
CA LEU A 215 21.98 8.54 17.24
C LEU A 215 20.88 9.19 16.42
N PHE A 216 20.29 10.25 16.99
CA PHE A 216 19.26 11.03 16.29
C PHE A 216 18.10 10.16 15.85
N GLY A 217 17.82 9.10 16.60
CA GLY A 217 16.80 8.15 16.20
C GLY A 217 17.10 7.43 14.91
N THR A 218 18.37 7.16 14.63
CA THR A 218 18.76 6.49 13.39
C THR A 218 19.88 5.50 13.71
N ARG A 219 19.93 4.42 12.93
CA ARG A 219 20.94 3.38 13.11
C ARG A 219 22.13 3.64 12.21
N PHE A 220 23.33 3.62 12.80
CA PHE A 220 24.57 3.78 12.07
C PHE A 220 25.48 2.59 12.31
N ARG A 221 26.12 2.12 11.25
CA ARG A 221 27.05 0.99 11.34
C ARG A 221 28.31 1.32 10.55
N THR A 222 29.45 0.97 11.13
CA THR A 222 30.72 1.18 10.45
C THR A 222 30.87 0.20 9.29
N ALA A 223 31.24 0.72 8.13
CA ALA A 223 31.42 -0.11 6.94
C ALA A 223 32.53 0.47 6.09
N ASP A 224 33.07 -0.38 5.21
CA ASP A 224 34.18 0.05 4.37
C ASP A 224 33.75 1.14 3.38
N ALA A 225 32.50 1.11 2.94
CA ALA A 225 31.98 2.12 2.04
C ALA A 225 30.59 2.54 2.51
N PRO A 226 30.25 3.82 2.38
CA PRO A 226 28.92 4.27 2.79
C PRO A 226 27.83 3.55 2.02
N GLY A 227 26.68 3.39 2.67
CA GLY A 227 25.59 2.67 2.06
C GLY A 227 24.32 2.81 2.85
N PHE A 228 23.30 2.06 2.42
CA PHE A 228 21.97 2.14 3.02
C PHE A 228 21.29 0.79 2.85
N THR A 229 20.85 0.20 3.96
CA THR A 229 20.19 -1.10 3.94
C THR A 229 18.91 -1.04 4.75
N THR A 230 17.93 -1.84 4.32
CA THR A 230 16.67 -1.99 5.02
C THR A 230 16.40 -3.48 5.25
N GLU A 231 15.74 -3.77 6.36
CA GLU A 231 15.47 -5.15 6.75
C GLU A 231 14.10 -5.24 7.41
N CYS A 232 13.35 -6.28 7.07
CA CYS A 232 12.06 -6.50 7.69
C CYS A 232 12.21 -6.77 9.18
N ASP A 233 11.21 -6.34 9.93
CA ASP A 233 11.11 -6.73 11.32
C ASP A 233 10.96 -8.25 11.39
N PRO A 234 11.86 -8.97 12.05
CA PRO A 234 11.79 -10.44 12.02
C PRO A 234 10.48 -10.99 12.56
N ARG A 235 9.87 -10.32 13.53
CA ARG A 235 8.63 -10.83 14.10
C ARG A 235 7.46 -10.66 13.13
N ASP A 236 7.37 -9.50 12.48
CA ASP A 236 6.32 -9.30 11.49
C ASP A 236 6.48 -10.26 10.32
N LEU A 237 7.71 -10.44 9.84
CA LEU A 237 7.96 -11.30 8.69
C LEU A 237 7.62 -12.76 9.02
N ASP A 238 8.04 -13.24 10.18
N ASP A 238 8.03 -13.25 10.19
CA ASP A 238 7.74 -14.62 10.57
CA ASP A 238 7.74 -14.63 10.54
C ASP A 238 6.26 -14.83 10.78
C ASP A 238 6.25 -14.84 10.79
N GLU A 239 5.57 -13.84 11.35
CA GLU A 239 4.15 -13.98 11.67
C GLU A 239 3.27 -13.91 10.42
N ILE A 240 3.57 -12.99 9.51
CA ILE A 240 2.81 -12.93 8.25
C ILE A 240 3.04 -14.20 7.44
N ALA A 241 4.30 -14.63 7.34
CA ALA A 241 4.61 -15.88 6.67
C ALA A 241 3.89 -17.05 7.34
N ARG A 242 3.80 -17.03 8.67
CA ARG A 242 3.08 -18.05 9.40
C ARG A 242 1.62 -18.12 8.93
N TRP A 243 0.98 -16.96 8.76
CA TRP A 243 -0.42 -16.96 8.35
C TRP A 243 -0.58 -17.33 6.88
N VAL A 244 0.45 -17.10 6.06
CA VAL A 244 0.38 -17.52 4.67
C VAL A 244 0.39 -19.04 4.58
N GLY A 245 1.25 -19.70 5.35
CA GLY A 245 1.24 -21.15 5.40
C GLY A 245 -0.08 -21.71 5.89
N GLU A 246 -0.74 -21.00 6.81
CA GLU A 246 -2.08 -21.39 7.25
C GLU A 246 -3.09 -21.24 6.12
N ALA A 247 -3.07 -20.10 5.43
CA ALA A 247 -4.05 -19.84 4.37
C ALA A 247 -3.89 -20.81 3.22
N ARG A 248 -2.66 -21.25 2.92
CA ARG A 248 -2.44 -22.15 1.80
C ARG A 248 -3.12 -23.49 2.02
N LEU A 249 -3.34 -23.89 3.28
CA LEU A 249 -4.04 -25.12 3.57
C LEU A 249 -5.54 -25.03 3.39
N ARG A 250 -6.10 -23.82 3.35
CA ARG A 250 -7.54 -23.64 3.42
C ARG A 250 -8.14 -22.90 2.23
N ALA A 251 -7.35 -22.61 1.20
CA ALA A 251 -7.87 -21.93 0.03
C ALA A 251 -7.13 -22.41 -1.21
N ASP A 252 -7.78 -22.26 -2.36
CA ASP A 252 -7.12 -22.58 -3.62
C ASP A 252 -5.99 -21.60 -3.91
N LEU A 253 -6.26 -20.30 -3.73
CA LEU A 253 -5.30 -19.25 -4.03
C LEU A 253 -5.05 -18.41 -2.79
N VAL A 254 -3.80 -18.01 -2.59
CA VAL A 254 -3.41 -17.11 -1.52
C VAL A 254 -2.76 -15.89 -2.15
N VAL A 255 -3.32 -14.72 -1.87
CA VAL A 255 -2.79 -13.45 -2.35
C VAL A 255 -2.40 -12.60 -1.15
N VAL A 256 -1.20 -12.04 -1.18
CA VAL A 256 -0.71 -11.13 -0.15
C VAL A 256 -0.69 -9.72 -0.73
N SER A 257 -1.41 -8.81 -0.08
CA SER A 257 -1.47 -7.41 -0.47
C SER A 257 -0.68 -6.60 0.54
N VAL A 258 0.32 -5.86 0.06
CA VAL A 258 1.23 -5.14 0.95
C VAL A 258 1.31 -3.68 0.51
N HIS A 259 1.04 -2.78 1.44
CA HIS A 259 1.15 -1.34 1.21
C HIS A 259 2.55 -0.88 1.58
N SER A 260 3.21 -0.16 0.68
CA SER A 260 4.59 0.25 0.92
C SER A 260 4.90 1.49 0.11
N HIS A 261 5.07 2.63 0.79
CA HIS A 261 5.55 3.85 0.15
C HIS A 261 7.06 3.90 0.05
N GLU A 262 7.76 3.06 0.80
CA GLU A 262 9.21 3.23 0.98
C GLU A 262 9.93 3.07 -0.36
N PRO A 263 10.75 4.03 -0.77
CA PRO A 263 11.50 3.91 -2.01
C PRO A 263 12.82 3.16 -1.81
N GLY A 264 13.29 2.58 -2.91
CA GLY A 264 14.61 2.00 -2.95
C GLY A 264 15.63 3.05 -3.33
N PRO A 265 16.76 2.62 -3.91
CA PRO A 265 17.76 3.59 -4.39
C PRO A 265 17.20 4.65 -5.32
N THR A 266 16.16 4.31 -6.08
CA THR A 266 15.45 5.21 -6.97
C THR A 266 13.97 5.16 -6.63
N PRO A 267 13.21 6.19 -6.96
CA PRO A 267 11.78 6.19 -6.61
C PRO A 267 11.00 5.02 -7.19
N GLU A 268 11.39 4.51 -8.36
CA GLU A 268 10.65 3.43 -8.99
C GLU A 268 11.04 2.06 -8.47
N THR A 269 12.10 1.95 -7.67
N THR A 269 12.13 1.96 -7.71
CA THR A 269 12.58 0.68 -7.14
CA THR A 269 12.45 0.63 -7.21
C THR A 269 11.97 0.43 -5.76
C THR A 269 11.89 0.44 -5.80
N PRO A 270 11.43 -0.76 -5.50
CA PRO A 270 10.93 -1.05 -4.15
C PRO A 270 12.07 -1.12 -3.16
N GLY A 271 11.74 -0.90 -1.89
CA GLY A 271 12.72 -1.13 -0.84
C GLY A 271 13.17 -2.57 -0.84
N GLU A 272 14.45 -2.77 -0.50
CA GLU A 272 15.02 -4.11 -0.51
C GLU A 272 14.25 -5.03 0.44
N PHE A 273 13.81 -4.49 1.58
CA PHE A 273 13.03 -5.30 2.52
C PHE A 273 11.73 -5.79 1.89
N LEU A 274 11.12 -4.95 1.04
CA LEU A 274 9.89 -5.35 0.37
C LEU A 274 10.13 -6.52 -0.58
N ARG A 275 11.28 -6.53 -1.26
CA ARG A 275 11.59 -7.62 -2.17
C ARG A 275 11.86 -8.92 -1.41
N VAL A 276 12.57 -8.83 -0.28
CA VAL A 276 12.75 -9.99 0.57
C VAL A 276 11.41 -10.49 1.09
N PHE A 277 10.53 -9.55 1.47
CA PHE A 277 9.20 -9.93 1.95
C PHE A 277 8.41 -10.66 0.88
N ALA A 278 8.39 -10.11 -0.35
CA ALA A 278 7.60 -10.72 -1.43
C ALA A 278 8.13 -12.12 -1.77
N HIS A 279 9.45 -12.28 -1.80
CA HIS A 279 10.02 -13.60 -2.04
C HIS A 279 9.61 -14.57 -0.94
N ARG A 280 9.63 -14.13 0.31
CA ARG A 280 9.24 -15.00 1.42
C ARG A 280 7.79 -15.44 1.29
N MET A 281 6.91 -14.52 0.90
CA MET A 281 5.49 -14.86 0.76
C MET A 281 5.28 -15.99 -0.23
N ILE A 282 5.95 -15.91 -1.39
CA ILE A 282 5.83 -16.97 -2.38
C ILE A 282 6.54 -18.23 -1.90
N ASP A 283 7.67 -18.07 -1.20
CA ASP A 283 8.33 -19.22 -0.60
C ASP A 283 7.38 -19.96 0.35
N GLU A 284 6.53 -19.23 1.05
CA GLU A 284 5.58 -19.83 1.99
C GLU A 284 4.32 -20.33 1.31
N GLY A 285 4.12 -20.05 0.03
CA GLY A 285 3.02 -20.64 -0.70
C GLY A 285 2.02 -19.69 -1.30
N ALA A 286 2.29 -18.39 -1.24
CA ALA A 286 1.40 -17.43 -1.86
C ALA A 286 1.44 -17.54 -3.38
N HIS A 287 0.30 -17.28 -4.01
CA HIS A 287 0.21 -17.37 -5.46
C HIS A 287 0.45 -16.03 -6.15
N ALA A 288 0.36 -14.93 -5.42
CA ALA A 288 0.61 -13.61 -5.98
C ALA A 288 0.87 -12.63 -4.83
N VAL A 289 1.64 -11.60 -5.13
CA VAL A 289 1.89 -10.50 -4.20
C VAL A 289 1.54 -9.22 -4.93
N VAL A 290 0.56 -8.47 -4.40
CA VAL A 290 0.11 -7.23 -5.02
C VAL A 290 0.53 -6.08 -4.11
N GLY A 291 1.30 -5.15 -4.66
CA GLY A 291 1.78 -4.02 -3.89
C GLY A 291 1.16 -2.72 -4.34
N HIS A 292 1.26 -1.69 -3.50
CA HIS A 292 0.65 -0.39 -3.74
C HIS A 292 1.23 0.56 -2.71
N GLY A 293 0.90 1.85 -2.84
CA GLY A 293 1.44 2.86 -1.98
C GLY A 293 1.96 4.09 -2.70
N PRO A 294 2.94 3.92 -3.59
CA PRO A 294 3.63 5.09 -4.17
C PRO A 294 2.77 5.97 -5.06
N HIS A 295 1.58 5.54 -5.47
CA HIS A 295 0.68 6.23 -6.39
C HIS A 295 1.19 6.24 -7.83
N PHE A 296 2.30 5.57 -8.13
CA PHE A 296 2.72 5.30 -9.50
C PHE A 296 3.02 3.82 -9.62
N LEU A 297 3.17 3.37 -10.86
CA LEU A 297 3.47 1.97 -11.12
C LEU A 297 4.94 1.66 -10.80
N ARG A 298 5.17 0.45 -10.31
CA ARG A 298 6.50 -0.12 -10.20
C ARG A 298 6.55 -1.39 -11.04
N GLY A 299 7.72 -2.00 -11.09
CA GLY A 299 7.94 -3.16 -11.93
C GLY A 299 7.19 -4.39 -11.45
N VAL A 300 7.18 -5.40 -12.33
CA VAL A 300 6.55 -6.69 -12.06
C VAL A 300 7.65 -7.75 -12.13
N GLU A 301 7.63 -8.66 -11.16
CA GLU A 301 8.62 -9.73 -11.08
C GLU A 301 7.93 -11.08 -11.06
N LEU A 302 8.48 -12.04 -11.80
CA LEU A 302 8.08 -13.43 -11.71
C LEU A 302 9.10 -14.17 -10.87
N TYR A 303 8.64 -14.76 -9.77
CA TYR A 303 9.50 -15.47 -8.83
C TYR A 303 8.88 -16.82 -8.54
N ARG A 304 9.60 -17.90 -8.90
CA ARG A 304 9.09 -19.25 -8.79
C ARG A 304 7.72 -19.38 -9.45
N ASN A 305 7.59 -18.73 -10.61
CA ASN A 305 6.41 -18.78 -11.47
C ASN A 305 5.19 -18.10 -10.85
N LYS A 306 5.38 -17.22 -9.88
CA LYS A 306 4.30 -16.42 -9.31
C LYS A 306 4.62 -14.94 -9.45
N PRO A 307 3.62 -14.10 -9.73
CA PRO A 307 3.88 -12.68 -10.00
C PRO A 307 3.94 -11.83 -8.75
N ILE A 308 4.87 -10.88 -8.76
CA ILE A 308 4.96 -9.85 -7.74
C ILE A 308 4.72 -8.51 -8.43
N PHE A 309 3.65 -7.82 -8.06
CA PHE A 309 3.36 -6.48 -8.56
C PHE A 309 3.75 -5.50 -7.46
N TYR A 310 4.95 -4.93 -7.58
CA TYR A 310 5.48 -4.11 -6.49
C TYR A 310 4.65 -2.86 -6.26
N SER A 311 3.98 -2.35 -7.30
CA SER A 311 3.06 -1.25 -7.12
C SER A 311 2.14 -1.14 -8.33
N LEU A 312 0.83 -1.28 -8.10
CA LEU A 312 -0.17 -1.00 -9.11
C LEU A 312 -0.73 0.41 -9.03
N GLY A 313 -0.06 1.30 -8.30
CA GLY A 313 -0.45 2.70 -8.25
C GLY A 313 -1.83 2.90 -7.66
N ASN A 314 -2.59 3.79 -8.28
CA ASN A 314 -3.95 4.09 -7.88
C ASN A 314 -4.93 3.53 -8.89
N ILE A 315 -6.00 2.90 -8.41
CA ILE A 315 -7.10 2.52 -9.29
C ILE A 315 -8.21 3.57 -9.20
N VAL A 316 -8.30 4.25 -8.06
CA VAL A 316 -9.18 5.41 -7.88
C VAL A 316 -8.39 6.46 -7.12
N SER A 317 -8.43 7.72 -7.58
CA SER A 317 -7.64 8.80 -7.01
C SER A 317 -8.49 10.06 -6.91
N GLN A 318 -9.18 10.23 -5.79
CA GLN A 318 -10.06 11.37 -5.57
C GLN A 318 -9.73 12.07 -4.25
N ILE A 319 -8.44 12.16 -3.93
CA ILE A 319 -8.01 12.83 -2.69
C ILE A 319 -8.54 14.26 -2.65
N GLU A 320 -8.32 15.01 -3.74
CA GLU A 320 -8.67 16.42 -3.78
C GLU A 320 -10.17 16.67 -3.81
N LEU A 321 -10.99 15.63 -3.87
CA LEU A 321 -12.45 15.79 -3.84
C LEU A 321 -13.06 15.46 -2.48
N THR A 322 -12.23 15.16 -1.47
CA THR A 322 -12.78 14.84 -0.16
C THR A 322 -13.50 16.04 0.43
N ASP A 323 -14.61 15.78 1.12
CA ASP A 323 -15.38 16.81 1.77
C ASP A 323 -15.18 16.82 3.29
N ARG A 324 -14.18 16.10 3.79
CA ARG A 324 -13.94 15.96 5.22
C ARG A 324 -12.46 16.22 5.49
N VAL A 325 -12.12 17.49 5.70
CA VAL A 325 -10.75 17.92 5.98
C VAL A 325 -10.66 18.32 7.45
N SER A 326 -9.65 17.80 8.14
CA SER A 326 -9.52 18.04 9.57
C SER A 326 -8.89 19.41 9.84
N ALA A 327 -8.99 19.84 11.10
CA ALA A 327 -8.47 21.16 11.48
C ALA A 327 -6.95 21.20 11.36
N GLU A 328 -6.27 20.11 11.72
CA GLU A 328 -4.82 20.06 11.57
C GLU A 328 -4.40 20.04 10.11
N ASP A 329 -5.23 19.44 9.25
CA ASP A 329 -4.95 19.50 7.81
C ASP A 329 -5.09 20.92 7.28
N TYR A 330 -6.17 21.61 7.67
CA TYR A 330 -6.36 23.01 7.26
C TYR A 330 -5.20 23.88 7.70
N ALA A 331 -4.59 23.58 8.85
CA ALA A 331 -3.54 24.43 9.39
C ALA A 331 -2.26 24.39 8.56
N LYS A 332 -2.10 23.40 7.68
CA LYS A 332 -0.92 23.37 6.82
C LYS A 332 -0.96 24.40 5.71
N VAL A 333 -2.05 25.14 5.56
CA VAL A 333 -2.21 26.14 4.51
C VAL A 333 -2.53 27.46 5.17
N THR A 334 -1.62 28.43 5.04
CA THR A 334 -1.87 29.76 5.56
C THR A 334 -3.01 30.43 4.79
N ALA A 335 -3.97 30.98 5.53
CA ALA A 335 -5.14 31.56 4.90
C ALA A 335 -5.63 32.75 5.71
N GLU A 336 -5.98 33.83 5.01
CA GLU A 336 -6.55 35.02 5.61
C GLU A 336 -8.06 34.94 5.74
N ARG A 337 -8.65 33.77 5.51
CA ARG A 337 -10.08 33.55 5.65
C ARG A 337 -10.31 32.04 5.77
N PRO A 338 -11.37 31.60 6.43
CA PRO A 338 -11.64 30.17 6.53
C PRO A 338 -11.80 29.54 5.16
N LEU A 339 -11.25 28.34 5.01
CA LEU A 339 -11.16 27.67 3.71
C LEU A 339 -12.20 26.57 3.57
N THR A 340 -12.79 26.50 2.39
CA THR A 340 -13.57 25.34 1.99
C THR A 340 -12.63 24.24 1.52
N PRO A 341 -13.10 22.98 1.52
CA PRO A 341 -12.19 21.87 1.16
C PRO A 341 -11.53 22.02 -0.20
N GLY A 342 -12.30 22.34 -1.25
CA GLY A 342 -11.72 22.45 -2.58
C GLY A 342 -10.69 23.55 -2.68
N ARG A 343 -10.97 24.72 -2.10
CA ARG A 343 -9.99 25.79 -2.06
C ARG A 343 -8.76 25.40 -1.26
N TYR A 344 -8.94 24.59 -0.21
CA TYR A 344 -7.80 24.12 0.57
C TYR A 344 -6.87 23.25 -0.26
N TYR A 345 -7.42 22.34 -1.04
CA TYR A 345 -6.59 21.50 -1.90
C TYR A 345 -5.97 22.30 -3.03
N ASP A 346 -6.65 23.34 -3.50
CA ASP A 346 -6.06 24.19 -4.53
C ASP A 346 -4.84 24.93 -3.99
N ARG A 347 -4.94 25.44 -2.76
CA ARG A 347 -3.80 26.14 -2.17
C ARG A 347 -2.71 25.17 -1.72
N LEU A 348 -3.09 23.95 -1.33
CA LEU A 348 -2.11 22.97 -0.87
C LEU A 348 -1.17 22.56 -2.00
N SER A 349 -1.72 22.43 -3.21
CA SER A 349 -0.93 22.07 -4.39
C SER A 349 -0.43 23.28 -5.17
N GLY A 350 -0.59 24.49 -4.62
CA GLY A 350 -0.19 25.70 -5.32
C GLY A 350 -0.97 25.92 -6.60
N HIS A 351 -2.29 25.73 -6.51
CA HIS A 351 -3.18 25.79 -7.67
C HIS A 351 -2.69 24.85 -8.78
N GLY A 352 -2.35 23.64 -8.39
CA GLY A 352 -2.04 22.58 -9.34
C GLY A 352 -0.63 22.57 -9.90
N THR A 353 0.27 23.37 -9.37
CA THR A 353 1.64 23.41 -9.88
C THR A 353 2.57 22.43 -9.18
N ARG A 354 2.13 21.77 -8.13
CA ARG A 354 2.95 20.78 -7.43
C ARG A 354 2.04 19.66 -6.95
N LEU A 355 2.62 18.73 -6.20
CA LEU A 355 1.96 17.49 -5.76
C LEU A 355 1.67 16.65 -7.00
N PHE A 356 0.61 15.83 -6.98
CA PHE A 356 0.45 14.76 -7.97
C PHE A 356 -0.09 15.23 -9.31
N ALA A 357 -0.79 16.36 -9.36
CA ALA A 357 -1.48 16.76 -10.58
C ALA A 357 -0.58 16.93 -11.80
N PRO A 358 0.60 17.57 -11.72
CA PRO A 358 1.34 17.89 -12.96
C PRO A 358 1.94 16.68 -13.66
N HIS A 359 2.14 15.56 -12.97
CA HIS A 359 2.93 14.46 -13.51
C HIS A 359 2.02 13.31 -13.93
N ARG A 360 2.26 12.80 -15.14
CA ARG A 360 1.38 11.79 -15.74
C ARG A 360 1.50 10.42 -15.09
N ARG A 361 2.63 10.13 -14.43
CA ARG A 361 2.80 8.81 -13.85
C ARG A 361 1.80 8.54 -12.74
N TYR A 362 1.28 9.59 -12.10
CA TYR A 362 0.31 9.43 -11.02
C TYR A 362 -1.11 9.21 -11.51
N TRP A 363 -1.34 9.19 -12.82
CA TRP A 363 -2.69 9.05 -13.37
C TRP A 363 -2.77 7.92 -14.38
N GLN A 364 -1.78 7.05 -14.43
CA GLN A 364 -1.85 5.80 -15.15
C GLN A 364 -1.92 4.66 -14.14
N SER A 365 -2.67 3.62 -14.49
CA SER A 365 -2.84 2.49 -13.60
C SER A 365 -2.79 1.21 -14.41
N LEU A 366 -2.90 0.08 -13.71
CA LEU A 366 -2.83 -1.24 -14.33
C LEU A 366 -3.71 -2.19 -13.53
N VAL A 367 -4.54 -2.95 -14.23
CA VAL A 367 -5.34 -4.00 -13.63
C VAL A 367 -4.89 -5.33 -14.21
N PRO A 368 -4.07 -6.09 -13.49
CA PRO A 368 -3.74 -7.44 -13.92
C PRO A 368 -4.91 -8.39 -13.68
N VAL A 369 -5.12 -9.30 -14.61
CA VAL A 369 -6.09 -10.36 -14.46
C VAL A 369 -5.34 -11.67 -14.61
N LEU A 370 -5.24 -12.41 -13.51
CA LEU A 370 -4.46 -13.64 -13.46
C LEU A 370 -5.39 -14.85 -13.57
N THR A 371 -4.93 -15.85 -14.31
CA THR A 371 -5.64 -17.11 -14.45
C THR A 371 -4.79 -18.22 -13.83
N PHE A 372 -5.37 -18.93 -12.86
CA PHE A 372 -4.71 -20.07 -12.23
C PHE A 372 -5.48 -21.35 -12.53
N GLU A 373 -4.73 -22.42 -12.79
CA GLU A 373 -5.30 -23.75 -12.96
C GLU A 373 -4.62 -24.67 -11.95
N ASP A 374 -5.37 -25.05 -10.90
CA ASP A 374 -4.84 -25.88 -9.82
C ASP A 374 -3.62 -25.23 -9.17
N GLY A 375 -3.69 -23.92 -8.98
CA GLY A 375 -2.61 -23.18 -8.36
C GLY A 375 -1.47 -22.80 -9.27
N THR A 376 -1.48 -23.26 -10.52
CA THR A 376 -0.44 -22.90 -11.49
C THR A 376 -0.88 -21.69 -12.27
N LEU A 377 -0.01 -20.67 -12.33
CA LEU A 377 -0.32 -19.50 -13.14
C LEU A 377 -0.23 -19.86 -14.62
N THR A 378 -1.36 -19.75 -15.33
CA THR A 378 -1.38 -20.04 -16.76
C THR A 378 -1.55 -18.80 -17.63
N ALA A 379 -1.98 -17.68 -17.06
CA ALA A 379 -2.06 -16.44 -17.81
C ALA A 379 -2.03 -15.27 -16.83
N ALA A 380 -1.44 -14.16 -17.28
CA ALA A 380 -1.38 -12.93 -16.50
C ALA A 380 -1.62 -11.77 -17.49
N ARG A 381 -2.90 -11.47 -17.71
CA ARG A 381 -3.26 -10.37 -18.60
C ARG A 381 -3.02 -9.03 -17.93
N LEU A 382 -2.62 -8.04 -18.73
CA LEU A 382 -2.32 -6.70 -18.25
C LEU A 382 -3.25 -5.71 -18.93
N HIS A 383 -4.10 -5.05 -18.14
CA HIS A 383 -5.05 -4.09 -18.69
C HIS A 383 -4.70 -2.68 -18.21
N PRO A 384 -4.04 -1.87 -19.03
CA PRO A 384 -3.74 -0.49 -18.61
C PRO A 384 -5.01 0.30 -18.32
N VAL A 385 -4.94 1.11 -17.26
CA VAL A 385 -6.06 1.93 -16.83
C VAL A 385 -5.65 3.39 -16.88
N ASP A 386 -6.54 4.23 -17.39
CA ASP A 386 -6.33 5.68 -17.47
C ASP A 386 -7.15 6.36 -16.39
N LEU A 387 -6.50 7.26 -15.63
CA LEU A 387 -7.17 8.00 -14.56
C LEU A 387 -7.42 9.47 -14.93
N GLY A 388 -7.22 9.84 -16.19
CA GLY A 388 -7.60 11.16 -16.66
C GLY A 388 -6.63 12.28 -16.31
N PHE A 389 -5.36 12.11 -16.67
CA PHE A 389 -4.37 13.16 -16.45
C PHE A 389 -4.76 14.42 -17.22
N GLY A 390 -4.70 15.57 -16.54
CA GLY A 390 -4.98 16.85 -17.16
C GLY A 390 -6.44 17.25 -17.20
N ARG A 391 -7.35 16.35 -16.83
CA ARG A 391 -8.76 16.70 -16.76
C ARG A 391 -9.03 17.56 -15.53
N PRO A 392 -10.19 18.24 -15.48
CA PRO A 392 -10.53 19.00 -14.27
C PRO A 392 -10.53 18.11 -13.04
N VAL A 393 -10.29 18.74 -11.88
CA VAL A 393 -10.08 17.99 -10.65
C VAL A 393 -11.30 17.13 -10.31
N HIS A 394 -12.50 17.55 -10.71
CA HIS A 394 -13.68 16.78 -10.38
C HIS A 394 -13.89 15.58 -11.29
N ARG A 395 -13.13 15.49 -12.38
CA ARG A 395 -13.23 14.37 -13.31
C ARG A 395 -12.08 13.39 -13.21
N ARG A 396 -10.86 13.85 -12.96
CA ARG A 396 -9.73 12.95 -12.91
C ARG A 396 -9.78 12.08 -11.65
N GLY A 397 -9.18 10.90 -11.75
CA GLY A 397 -9.18 9.94 -10.68
C GLY A 397 -10.19 8.82 -10.83
N ARG A 398 -11.16 8.96 -11.74
CA ARG A 398 -12.06 7.85 -12.01
C ARG A 398 -11.46 6.95 -13.09
N PRO A 399 -11.52 5.63 -12.90
CA PRO A 399 -10.79 4.72 -13.78
C PRO A 399 -11.58 4.30 -15.01
N ARG A 400 -10.84 4.13 -16.10
CA ARG A 400 -11.37 3.53 -17.31
C ARG A 400 -10.25 2.80 -18.01
N LEU A 401 -10.61 1.78 -18.77
CA LEU A 401 -9.63 1.12 -19.62
C LEU A 401 -9.04 2.14 -20.59
N ALA A 402 -7.72 2.28 -20.58
CA ALA A 402 -7.08 3.24 -21.45
C ALA A 402 -7.32 2.88 -22.91
N ASP A 403 -7.43 3.90 -23.75
N ASP A 403 -7.43 3.90 -23.75
CA ASP A 403 -7.47 3.69 -25.18
CA ASP A 403 -7.48 3.66 -25.18
C ASP A 403 -6.15 3.09 -25.65
C ASP A 403 -6.15 3.07 -25.64
N ARG A 404 -6.13 2.65 -26.90
CA ARG A 404 -4.99 1.89 -27.43
C ARG A 404 -3.67 2.65 -27.25
N ALA A 405 -3.63 3.91 -27.69
CA ALA A 405 -2.38 4.66 -27.66
C ALA A 405 -1.85 4.84 -26.25
N GLU A 406 -2.73 5.22 -25.31
CA GLU A 406 -2.29 5.39 -23.93
C GLU A 406 -2.00 4.04 -23.27
N ALA A 407 -2.75 2.99 -23.62
CA ALA A 407 -2.48 1.68 -23.05
C ALA A 407 -1.12 1.16 -23.47
N GLU A 408 -0.73 1.39 -24.73
CA GLU A 408 0.59 0.97 -25.19
C GLU A 408 1.70 1.69 -24.43
N LYS A 409 1.53 2.99 -24.18
CA LYS A 409 2.52 3.73 -23.41
C LYS A 409 2.64 3.19 -21.99
N THR A 410 1.51 2.88 -21.35
CA THR A 410 1.53 2.31 -20.01
C THR A 410 2.18 0.93 -20.02
N LEU A 411 1.89 0.12 -21.04
CA LEU A 411 2.48 -1.21 -21.14
C LEU A 411 3.99 -1.12 -21.35
N THR A 412 4.45 -0.14 -22.13
CA THR A 412 5.88 0.11 -22.25
C THR A 412 6.50 0.44 -20.90
N ASP A 413 5.82 1.32 -20.15
CA ASP A 413 6.29 1.66 -18.81
C ASP A 413 6.44 0.44 -17.91
N VAL A 414 5.41 -0.41 -17.87
CA VAL A 414 5.48 -1.60 -17.04
C VAL A 414 6.63 -2.49 -17.49
N ALA A 415 6.78 -2.67 -18.81
CA ALA A 415 7.87 -3.50 -19.32
C ALA A 415 9.22 -2.95 -18.91
N GLN A 416 9.40 -1.63 -19.01
CA GLN A 416 10.68 -1.04 -18.62
C GLN A 416 10.92 -1.15 -17.12
N LEU A 417 9.88 -0.91 -16.32
CA LEU A 417 10.02 -1.05 -14.87
C LEU A 417 10.24 -2.48 -14.45
N SER A 418 9.79 -3.44 -15.26
CA SER A 418 9.95 -4.86 -14.95
C SER A 418 11.20 -5.47 -15.57
N GLN A 419 11.85 -4.76 -16.48
CA GLN A 419 13.04 -5.31 -17.14
C GLN A 419 14.14 -5.74 -16.16
N PRO A 420 14.47 -4.99 -15.09
CA PRO A 420 15.51 -5.46 -14.17
C PRO A 420 15.21 -6.82 -13.54
N TYR A 421 13.98 -7.29 -13.60
CA TYR A 421 13.61 -8.58 -13.05
C TYR A 421 13.54 -9.68 -14.11
N GLY A 422 13.86 -9.36 -15.36
CA GLY A 422 13.79 -10.36 -16.41
C GLY A 422 12.39 -10.67 -16.91
N THR A 423 11.45 -9.76 -16.66
CA THR A 423 10.06 -9.95 -17.09
C THR A 423 9.89 -9.50 -18.53
N ALA A 424 9.17 -10.31 -19.31
CA ALA A 424 8.85 -10.01 -20.69
C ALA A 424 7.34 -9.94 -20.85
N ILE A 425 6.90 -9.17 -21.84
CA ILE A 425 5.49 -8.88 -22.03
C ILE A 425 5.13 -9.07 -23.51
N GLU A 426 4.02 -9.75 -23.76
CA GLU A 426 3.42 -9.80 -25.09
C GLU A 426 2.35 -8.70 -25.17
N VAL A 427 2.23 -8.08 -26.33
CA VAL A 427 1.38 -6.90 -26.50
C VAL A 427 0.31 -7.19 -27.54
N MET A 428 -0.94 -6.93 -27.19
CA MET A 428 -2.06 -7.10 -28.09
C MET A 428 -2.30 -5.83 -28.91
N ASP A 429 -3.09 -5.98 -29.97
CA ASP A 429 -3.40 -4.85 -30.85
C ASP A 429 -4.10 -3.72 -30.11
N ASP A 430 -4.87 -4.04 -29.06
CA ASP A 430 -5.65 -3.04 -28.34
C ASP A 430 -4.86 -2.35 -27.23
N GLY A 431 -3.57 -2.62 -27.11
CA GLY A 431 -2.76 -2.02 -26.06
C GLY A 431 -2.75 -2.80 -24.76
N THR A 432 -3.57 -3.84 -24.64
CA THR A 432 -3.43 -4.73 -23.50
C THR A 432 -2.29 -5.71 -23.73
N GLY A 433 -1.85 -6.35 -22.66
CA GLY A 433 -0.75 -7.28 -22.78
C GLY A 433 -0.84 -8.46 -21.84
N GLU A 434 0.22 -9.26 -21.77
CA GLU A 434 0.28 -10.34 -20.80
C GLU A 434 1.74 -10.72 -20.57
N LEU A 435 2.01 -11.18 -19.35
CA LEU A 435 3.36 -11.60 -19.00
C LEU A 435 3.74 -12.87 -19.75
N ALA A 436 5.02 -12.95 -20.15
CA ALA A 436 5.55 -14.17 -20.73
C ALA A 436 5.88 -15.16 -19.61
N LEU A 437 5.26 -16.33 -19.65
CA LEU A 437 5.35 -17.30 -18.58
C LEU A 437 6.19 -18.50 -19.01
N ASP A 438 6.83 -19.15 -18.04
CA ASP A 438 7.63 -20.34 -18.27
C ASP A 438 6.81 -21.62 -18.27
N VAL A 439 5.63 -21.61 -17.65
CA VAL A 439 4.80 -22.79 -17.52
C VAL A 439 4.43 -23.40 -18.87
N GLY B 33 6.09 9.93 10.98
CA GLY B 33 6.82 8.68 10.97
C GLY B 33 6.97 8.06 9.60
N CYS B 34 7.94 8.55 8.82
CA CYS B 34 8.25 7.93 7.54
C CYS B 34 9.73 7.94 7.22
N GLY B 35 10.57 8.57 8.03
CA GLY B 35 12.00 8.52 7.81
C GLY B 35 12.38 9.19 6.50
N TYR B 36 13.03 8.42 5.64
CA TYR B 36 13.44 8.89 4.32
C TYR B 36 12.23 9.11 3.41
N CYS B 40 5.54 10.46 2.49
CA CYS B 40 4.77 9.37 1.92
C CYS B 40 3.29 9.75 1.83
N PHE B 41 2.94 10.39 0.72
CA PHE B 41 1.67 11.09 0.57
C PHE B 41 0.55 10.13 0.19
N GLY B 42 -0.67 10.49 0.61
CA GLY B 42 -1.88 9.83 0.14
C GLY B 42 -2.01 8.35 0.45
#